data_9QEA
#
_entry.id   9QEA
#
_cell.length_a   84.999
_cell.length_b   84.999
_cell.length_c   148.045
_cell.angle_alpha   90.000
_cell.angle_beta   90.000
_cell.angle_gamma   90.000
#
_symmetry.space_group_name_H-M   'P 41 21 2'
#
loop_
_entity.id
_entity.type
_entity.pdbx_description
1 polymer 'Lysine--tRNA ligase 1'
2 non-polymer LYSINE
3 non-polymer 2-azanyl-6-cyclohexyl-4-ethoxy-7~{H}-pyrrolo[3,4-d]pyrimidin-5-one
4 water water
#
_entity_poly.entity_id   1
_entity_poly.type   'polypeptide(L)'
_entity_poly.pdbx_seq_one_letter_code
;MGSSHHHHHHSSGENLYFQGHMSAADTAEDLPEQFRIRRDKRARLLAQGRDPYPVAVPRTHTLAEVRAAHPDLPIDTATE
DIVGVAGRVIFARNSGKLCFATLQDGDGTQLQVMISLDKVGQAALDAWKADVDLGDIVYVHGAVISSRRGELSVLADCWR
IAAKSLRPLPVAHKEMSEESRVRQRYVDLIVRPEARAVARLRIAVVRAIRTALQRRGFLEVETPVLQTLAGGAAARPFAT
HSNALDIDLYLRIAPELFLKRCIVGGFDKVFELNRVFRNEGADSTHSPEFSMLETYQTYGTYDDSAVVTRELIQEVADEA
IGTRQLPLPDGSVYDIDGEWATIQMYPSLSVALGEEITPQTTVDRLRGIADSLGLEKDPAIHDNRGFGHGKLIEELWERT
VGKSLSAPTFVKDFPVQTTPLTRQHRSIPGVTEKWDLYLRGIELATGYSELSDPVVQRERFADQARAAAAGDDEAMVLDE
DFLAALEYGMPPCTGTGMGIDRLLMSLTGLSIRETVLFPIVRPHSN
;
_entity_poly.pdbx_strand_id   A
#
# COMPACT_ATOMS: atom_id res chain seq x y z
N GLU A 33 15.73 -1.32 -32.04
CA GLU A 33 15.61 -1.40 -33.52
C GLU A 33 14.26 -2.02 -33.91
N GLN A 34 13.95 -3.20 -33.36
CA GLN A 34 12.76 -3.93 -33.78
C GLN A 34 11.51 -3.06 -33.57
N PHE A 35 11.68 -1.99 -32.80
CA PHE A 35 10.72 -0.89 -32.73
C PHE A 35 10.35 -0.45 -34.14
N ARG A 36 11.27 -0.57 -35.10
CA ARG A 36 11.04 -0.14 -36.47
C ARG A 36 10.18 -1.17 -37.19
N ILE A 37 10.59 -2.44 -37.16
CA ILE A 37 9.89 -3.50 -37.87
C ILE A 37 8.44 -3.56 -37.40
N ARG A 38 8.19 -3.08 -36.17
CA ARG A 38 6.86 -3.10 -35.60
C ARG A 38 5.98 -1.99 -36.19
N ARG A 39 6.49 -0.74 -36.22
CA ARG A 39 5.72 0.43 -36.63
C ARG A 39 5.12 0.22 -38.03
N ASP A 40 5.83 -0.55 -38.85
CA ASP A 40 5.45 -0.80 -40.23
C ASP A 40 4.31 -1.82 -40.30
N LYS A 41 4.32 -2.78 -39.38
CA LYS A 41 3.25 -3.76 -39.34
C LYS A 41 1.94 -3.02 -39.06
N ARG A 42 2.01 -1.98 -38.23
CA ARG A 42 0.83 -1.17 -37.98
C ARG A 42 0.47 -0.44 -39.27
N ALA A 43 1.37 0.44 -39.71
CA ALA A 43 1.20 1.22 -40.93
C ALA A 43 0.54 0.40 -42.03
N ARG A 44 1.06 -0.81 -42.27
CA ARG A 44 0.65 -1.60 -43.42
C ARG A 44 -0.69 -2.27 -43.13
N LEU A 45 -1.06 -2.39 -41.85
CA LEU A 45 -2.38 -2.88 -41.49
C LEU A 45 -3.42 -1.78 -41.66
N LEU A 46 -3.05 -0.53 -41.37
CA LEU A 46 -3.96 0.59 -41.62
C LEU A 46 -4.33 0.59 -43.10
N ALA A 47 -3.32 0.51 -43.96
CA ALA A 47 -3.52 0.62 -45.40
C ALA A 47 -4.54 -0.40 -45.91
N GLN A 48 -4.47 -1.64 -45.42
CA GLN A 48 -5.28 -2.75 -45.92
C GLN A 48 -6.73 -2.66 -45.42
N GLY A 49 -7.00 -1.74 -44.48
CA GLY A 49 -8.27 -1.73 -43.78
C GLY A 49 -8.41 -2.93 -42.83
N ARG A 50 -7.26 -3.41 -42.32
CA ARG A 50 -7.22 -4.20 -41.09
C ARG A 50 -7.19 -3.21 -39.92
N ASP A 51 -7.72 -3.61 -38.75
CA ASP A 51 -7.73 -2.71 -37.61
C ASP A 51 -6.79 -3.25 -36.54
N PRO A 52 -5.67 -2.54 -36.28
CA PRO A 52 -4.79 -2.80 -35.15
C PRO A 52 -5.15 -2.20 -33.79
N TYR A 53 -6.25 -1.43 -33.73
CA TYR A 53 -6.75 -0.86 -32.50
C TYR A 53 -8.26 -0.73 -32.61
N PRO A 54 -9.01 -1.84 -32.77
CA PRO A 54 -10.48 -1.78 -32.83
C PRO A 54 -11.11 -0.94 -31.71
N VAL A 55 -12.41 -0.66 -31.87
CA VAL A 55 -13.22 0.00 -30.85
C VAL A 55 -13.69 -1.07 -29.85
N ALA A 56 -14.15 -2.21 -30.39
CA ALA A 56 -14.67 -3.32 -29.60
C ALA A 56 -14.07 -4.63 -30.12
N VAL A 57 -14.12 -5.68 -29.30
CA VAL A 57 -14.15 -7.03 -29.84
C VAL A 57 -15.01 -7.84 -28.88
N PRO A 58 -15.82 -8.80 -29.35
CA PRO A 58 -16.81 -9.42 -28.48
C PRO A 58 -16.36 -10.45 -27.43
N ARG A 59 -15.26 -10.16 -26.73
CA ARG A 59 -14.83 -11.07 -25.68
C ARG A 59 -16.05 -11.47 -24.86
N THR A 60 -16.35 -12.77 -24.77
CA THR A 60 -17.39 -13.22 -23.86
C THR A 60 -16.75 -13.48 -22.50
N HIS A 61 -15.73 -14.35 -22.46
CA HIS A 61 -15.17 -14.82 -21.20
C HIS A 61 -13.73 -14.33 -20.99
N THR A 62 -13.35 -14.15 -19.72
CA THR A 62 -11.95 -14.15 -19.32
C THR A 62 -11.49 -15.58 -19.22
N LEU A 63 -10.18 -15.77 -19.28
CA LEU A 63 -9.62 -17.12 -19.38
C LEU A 63 -9.88 -17.87 -18.08
N ALA A 64 -9.99 -17.14 -16.96
CA ALA A 64 -10.29 -17.70 -15.66
C ALA A 64 -11.61 -18.45 -15.71
N GLU A 65 -12.53 -17.92 -16.52
CA GLU A 65 -13.87 -18.46 -16.66
C GLU A 65 -13.81 -19.71 -17.51
N VAL A 66 -13.17 -19.60 -18.69
CA VAL A 66 -12.94 -20.76 -19.54
C VAL A 66 -12.39 -21.93 -18.71
N ARG A 67 -11.45 -21.65 -17.81
CA ARG A 67 -10.87 -22.67 -16.96
C ARG A 67 -11.90 -23.19 -15.97
N ALA A 68 -12.50 -22.28 -15.17
CA ALA A 68 -13.40 -22.68 -14.10
C ALA A 68 -14.58 -23.50 -14.64
N ALA A 69 -15.01 -23.18 -15.88
CA ALA A 69 -16.03 -23.94 -16.58
C ALA A 69 -15.60 -25.40 -16.75
N HIS A 70 -14.40 -25.60 -17.29
CA HIS A 70 -13.96 -26.91 -17.74
C HIS A 70 -12.71 -27.34 -16.96
N PRO A 71 -12.85 -27.82 -15.71
CA PRO A 71 -11.69 -28.23 -14.91
C PRO A 71 -11.01 -29.49 -15.45
N ASP A 72 -11.77 -30.59 -15.52
CA ASP A 72 -11.25 -31.87 -15.95
C ASP A 72 -12.05 -32.34 -17.17
N LEU A 73 -11.73 -31.73 -18.31
CA LEU A 73 -12.18 -32.18 -19.61
C LEU A 73 -11.14 -33.18 -20.14
N PRO A 74 -11.51 -34.46 -20.42
CA PRO A 74 -10.57 -35.44 -20.96
C PRO A 74 -9.68 -34.89 -22.08
N ILE A 75 -8.36 -34.87 -21.84
CA ILE A 75 -7.44 -34.14 -22.72
C ILE A 75 -7.56 -34.73 -24.13
N ASP A 76 -7.38 -33.87 -25.13
CA ASP A 76 -7.33 -34.27 -26.52
C ASP A 76 -8.75 -34.51 -27.02
N THR A 77 -9.73 -33.93 -26.31
CA THR A 77 -11.14 -34.12 -26.63
C THR A 77 -11.78 -32.74 -26.74
N ALA A 78 -12.83 -32.63 -27.55
CA ALA A 78 -13.44 -31.35 -27.91
C ALA A 78 -14.84 -31.22 -27.30
N THR A 79 -15.12 -30.04 -26.73
CA THR A 79 -16.48 -29.63 -26.34
C THR A 79 -16.83 -28.37 -27.11
N GLU A 80 -18.12 -28.26 -27.46
CA GLU A 80 -18.57 -27.34 -28.49
C GLU A 80 -19.04 -26.02 -27.90
N ASP A 81 -18.88 -25.82 -26.58
CA ASP A 81 -19.21 -24.56 -25.94
C ASP A 81 -18.37 -23.44 -26.56
N ILE A 82 -19.06 -22.51 -27.22
CA ILE A 82 -18.40 -21.44 -27.95
C ILE A 82 -17.99 -20.38 -26.92
N VAL A 83 -16.92 -19.64 -27.23
CA VAL A 83 -16.48 -18.53 -26.39
C VAL A 83 -15.78 -17.51 -27.29
N GLY A 84 -15.80 -16.27 -26.83
CA GLY A 84 -14.92 -15.24 -27.33
C GLY A 84 -14.00 -14.82 -26.21
N VAL A 85 -12.70 -15.08 -26.41
CA VAL A 85 -11.68 -14.75 -25.44
C VAL A 85 -10.70 -13.80 -26.12
N ALA A 86 -9.89 -13.12 -25.30
CA ALA A 86 -8.81 -12.27 -25.79
C ALA A 86 -7.61 -12.37 -24.85
N GLY A 87 -6.62 -11.49 -25.05
CA GLY A 87 -5.48 -11.43 -24.16
C GLY A 87 -4.14 -11.43 -24.91
N ARG A 88 -3.08 -11.63 -24.12
CA ARG A 88 -1.74 -11.27 -24.52
C ARG A 88 -1.05 -12.52 -25.08
N VAL A 89 -0.31 -12.33 -26.18
CA VAL A 89 0.32 -13.45 -26.87
C VAL A 89 1.80 -13.44 -26.50
N ILE A 90 2.19 -14.46 -25.73
CA ILE A 90 3.52 -14.52 -25.16
C ILE A 90 4.25 -15.74 -25.73
N PHE A 91 3.63 -16.92 -25.72
CA PHE A 91 4.21 -18.07 -26.41
C PHE A 91 3.73 -18.01 -27.85
N ALA A 92 4.61 -18.42 -28.77
CA ALA A 92 4.28 -18.49 -30.19
C ALA A 92 5.16 -19.54 -30.85
N ARG A 93 4.56 -20.61 -31.38
CA ARG A 93 5.31 -21.66 -32.08
C ARG A 93 4.77 -21.83 -33.51
N ASN A 94 5.18 -20.90 -34.39
CA ASN A 94 4.79 -20.87 -35.80
C ASN A 94 5.23 -22.18 -36.47
N SER A 95 4.24 -22.97 -36.91
CA SER A 95 4.43 -24.41 -37.13
C SER A 95 3.79 -24.88 -38.44
N GLY A 96 4.13 -24.18 -39.54
CA GLY A 96 3.78 -24.63 -40.89
C GLY A 96 2.30 -24.40 -41.23
N LYS A 97 1.50 -25.47 -41.18
CA LYS A 97 0.07 -25.43 -41.47
C LYS A 97 -0.73 -25.00 -40.24
N LEU A 98 -0.10 -25.04 -39.05
CA LEU A 98 -0.81 -24.85 -37.78
C LEU A 98 0.14 -24.16 -36.78
N CYS A 99 -0.33 -23.05 -36.19
CA CYS A 99 0.45 -22.29 -35.21
C CYS A 99 -0.03 -22.59 -33.80
N PHE A 100 0.75 -22.18 -32.79
CA PHE A 100 0.40 -22.33 -31.39
C PHE A 100 0.84 -21.12 -30.58
N ALA A 101 -0.09 -20.60 -29.77
CA ALA A 101 0.11 -19.36 -29.04
C ALA A 101 -0.38 -19.50 -27.60
N THR A 102 0.39 -18.98 -26.65
CA THR A 102 -0.09 -18.84 -25.28
C THR A 102 -0.71 -17.44 -25.19
N LEU A 103 -2.01 -17.44 -24.90
CA LEU A 103 -2.72 -16.27 -24.44
C LEU A 103 -2.56 -16.22 -22.93
N GLN A 104 -2.10 -15.06 -22.45
CA GLN A 104 -2.14 -14.75 -21.03
C GLN A 104 -2.96 -13.48 -20.84
N ASP A 105 -4.01 -13.57 -20.01
CA ASP A 105 -4.83 -12.43 -19.64
C ASP A 105 -4.04 -11.59 -18.64
N GLY A 106 -4.60 -10.45 -18.21
CA GLY A 106 -3.86 -9.50 -17.40
C GLY A 106 -3.71 -9.95 -15.93
N ASP A 107 -4.58 -10.88 -15.52
CA ASP A 107 -4.49 -11.52 -14.21
C ASP A 107 -3.34 -12.52 -14.22
N GLY A 108 -2.99 -13.01 -15.43
CA GLY A 108 -1.92 -13.99 -15.58
C GLY A 108 -2.45 -15.37 -15.98
N THR A 109 -3.79 -15.54 -16.01
CA THR A 109 -4.40 -16.83 -16.34
C THR A 109 -4.12 -17.10 -17.80
N GLN A 110 -3.63 -18.31 -18.08
CA GLN A 110 -3.06 -18.63 -19.38
C GLN A 110 -3.99 -19.57 -20.13
N LEU A 111 -4.16 -19.28 -21.41
CA LEU A 111 -4.85 -20.22 -22.29
C LEU A 111 -4.03 -20.33 -23.57
N GLN A 112 -4.16 -21.46 -24.27
CA GLN A 112 -3.53 -21.57 -25.57
C GLN A 112 -4.59 -21.60 -26.67
N VAL A 113 -4.27 -20.90 -27.76
CA VAL A 113 -5.07 -20.95 -28.98
C VAL A 113 -4.28 -21.73 -30.04
N MET A 114 -5.03 -22.30 -30.99
CA MET A 114 -4.48 -23.04 -32.11
C MET A 114 -4.98 -22.43 -33.43
N ILE A 115 -4.14 -21.55 -34.01
CA ILE A 115 -4.38 -20.86 -35.27
C ILE A 115 -4.12 -21.86 -36.41
N SER A 116 -5.20 -22.34 -37.04
CA SER A 116 -5.11 -23.42 -38.01
C SER A 116 -5.44 -22.93 -39.43
N LEU A 117 -4.84 -23.59 -40.42
CA LEU A 117 -5.15 -23.39 -41.82
C LEU A 117 -6.59 -23.80 -42.13
N ASP A 118 -7.06 -24.90 -41.50
CA ASP A 118 -8.18 -25.70 -41.99
C ASP A 118 -9.56 -25.15 -41.64
N LYS A 119 -9.78 -24.81 -40.36
CA LYS A 119 -11.13 -24.50 -39.90
C LYS A 119 -11.52 -23.05 -40.22
N VAL A 120 -10.87 -22.46 -41.23
CA VAL A 120 -11.17 -21.15 -41.80
C VAL A 120 -9.81 -20.51 -42.11
N GLY A 121 -9.80 -19.60 -43.09
CA GLY A 121 -8.69 -18.68 -43.26
C GLY A 121 -7.36 -19.40 -43.43
N GLN A 122 -7.04 -19.70 -44.70
CA GLN A 122 -5.66 -19.87 -45.13
C GLN A 122 -4.89 -18.59 -44.87
N ALA A 123 -5.40 -17.47 -45.43
CA ALA A 123 -4.76 -16.17 -45.35
C ALA A 123 -4.73 -15.65 -43.91
N ALA A 124 -5.62 -16.19 -43.08
CA ALA A 124 -5.54 -16.04 -41.63
C ALA A 124 -4.16 -16.47 -41.14
N LEU A 125 -3.69 -17.63 -41.64
CA LEU A 125 -2.41 -18.21 -41.24
C LEU A 125 -1.26 -17.34 -41.75
N ASP A 126 -1.46 -16.73 -42.92
CA ASP A 126 -0.47 -15.84 -43.53
C ASP A 126 -0.40 -14.53 -42.72
N ALA A 127 -1.55 -13.89 -42.51
CA ALA A 127 -1.65 -12.71 -41.67
C ALA A 127 -1.12 -13.04 -40.27
N TRP A 128 -1.73 -14.06 -39.65
CA TRP A 128 -1.32 -14.50 -38.33
C TRP A 128 0.21 -14.48 -38.20
N LYS A 129 0.89 -15.25 -39.07
CA LYS A 129 2.34 -15.33 -39.05
C LYS A 129 2.93 -13.93 -39.19
N ALA A 130 2.60 -13.26 -40.31
CA ALA A 130 3.31 -12.04 -40.70
C ALA A 130 2.95 -10.86 -39.79
N ASP A 131 1.80 -10.92 -39.10
CA ASP A 131 1.22 -9.76 -38.45
C ASP A 131 1.37 -9.80 -36.92
N VAL A 132 1.51 -11.00 -36.31
CA VAL A 132 1.38 -11.15 -34.87
C VAL A 132 2.75 -11.35 -34.22
N ASP A 133 3.22 -10.31 -33.51
CA ASP A 133 4.48 -10.36 -32.77
C ASP A 133 4.16 -10.62 -31.29
N LEU A 134 5.15 -10.44 -30.39
CA LEU A 134 5.01 -10.88 -29.01
C LEU A 134 4.70 -9.71 -28.07
N GLY A 135 3.68 -9.95 -27.24
CA GLY A 135 3.10 -8.92 -26.38
C GLY A 135 1.78 -8.42 -26.94
N ASP A 136 1.42 -8.93 -28.13
CA ASP A 136 0.28 -8.42 -28.88
C ASP A 136 -1.01 -9.00 -28.34
N ILE A 137 -2.01 -8.13 -28.22
CA ILE A 137 -3.31 -8.53 -27.71
C ILE A 137 -4.14 -8.99 -28.90
N VAL A 138 -4.88 -10.09 -28.70
CA VAL A 138 -5.34 -10.95 -29.77
C VAL A 138 -6.61 -11.66 -29.29
N TYR A 139 -7.75 -11.32 -29.93
CA TYR A 139 -9.00 -12.00 -29.69
C TYR A 139 -9.04 -13.22 -30.60
N VAL A 140 -9.70 -14.30 -30.14
CA VAL A 140 -10.02 -15.44 -30.98
C VAL A 140 -11.28 -16.07 -30.39
N HIS A 141 -12.11 -16.60 -31.30
CA HIS A 141 -13.47 -17.07 -31.03
C HIS A 141 -13.56 -18.47 -31.64
N GLY A 142 -14.14 -19.41 -30.89
CA GLY A 142 -14.41 -20.72 -31.43
C GLY A 142 -14.93 -21.69 -30.37
N ALA A 143 -14.44 -22.93 -30.44
CA ALA A 143 -14.87 -24.00 -29.56
C ALA A 143 -13.69 -24.45 -28.70
N VAL A 144 -13.99 -24.80 -27.45
CA VAL A 144 -12.96 -24.98 -26.43
C VAL A 144 -12.56 -26.45 -26.39
N ILE A 145 -11.24 -26.70 -26.43
CA ILE A 145 -10.71 -28.07 -26.43
C ILE A 145 -9.66 -28.21 -25.33
N SER A 146 -9.19 -29.46 -25.17
CA SER A 146 -7.84 -29.72 -24.69
C SER A 146 -7.09 -30.54 -25.75
N SER A 147 -5.79 -30.77 -25.51
CA SER A 147 -4.89 -31.30 -26.51
C SER A 147 -3.76 -32.09 -25.84
N ARG A 148 -2.99 -32.80 -26.67
CA ARG A 148 -1.85 -33.58 -26.21
C ARG A 148 -1.36 -33.02 -24.85
N GLU A 151 -3.23 -29.80 -22.84
CA GLU A 151 -3.21 -28.41 -22.31
C GLU A 151 -4.38 -27.63 -22.92
N LEU A 152 -5.05 -26.79 -22.12
CA LEU A 152 -6.36 -26.23 -22.46
C LEU A 152 -6.23 -25.13 -23.52
N SER A 153 -7.05 -25.27 -24.57
CA SER A 153 -6.93 -24.42 -25.75
C SER A 153 -8.30 -24.23 -26.41
N VAL A 154 -8.39 -23.23 -27.30
CA VAL A 154 -9.61 -22.97 -28.06
C VAL A 154 -9.28 -22.95 -29.55
N LEU A 155 -10.12 -23.64 -30.33
CA LEU A 155 -9.96 -23.76 -31.76
C LEU A 155 -10.83 -22.71 -32.46
N ALA A 156 -10.16 -21.77 -33.13
CA ALA A 156 -10.72 -20.47 -33.48
C ALA A 156 -11.50 -20.51 -34.80
N ASP A 157 -12.81 -20.22 -34.75
CA ASP A 157 -13.61 -19.95 -35.93
C ASP A 157 -13.17 -18.63 -36.55
N CYS A 158 -13.23 -17.61 -35.69
CA CYS A 158 -12.88 -16.22 -36.00
C CYS A 158 -11.50 -15.98 -35.38
N TRP A 159 -10.80 -14.93 -35.81
CA TRP A 159 -9.74 -14.35 -34.98
C TRP A 159 -9.39 -12.94 -35.49
N ARG A 160 -8.84 -12.13 -34.58
CA ARG A 160 -8.57 -10.73 -34.85
C ARG A 160 -7.51 -10.22 -33.89
N ILE A 161 -6.73 -9.21 -34.31
CA ILE A 161 -5.90 -8.40 -33.42
C ILE A 161 -6.79 -7.41 -32.66
N ALA A 162 -6.38 -7.03 -31.45
CA ALA A 162 -7.11 -6.02 -30.68
C ALA A 162 -6.18 -4.88 -30.28
N ALA A 163 -4.89 -5.17 -30.10
CA ALA A 163 -3.88 -4.12 -30.01
C ALA A 163 -2.51 -4.63 -30.46
N LYS A 164 -1.67 -3.69 -30.91
CA LYS A 164 -0.42 -4.01 -31.59
C LYS A 164 0.74 -3.30 -30.88
N SER A 165 1.56 -4.08 -30.17
CA SER A 165 2.67 -3.54 -29.40
C SER A 165 3.76 -3.12 -30.36
N LEU A 166 4.32 -1.94 -30.12
CA LEU A 166 5.45 -1.42 -30.87
C LEU A 166 6.70 -1.38 -29.96
N ARG A 167 6.70 -2.27 -28.96
CA ARG A 167 7.80 -2.49 -28.02
C ARG A 167 7.70 -3.91 -27.48
N PRO A 168 8.67 -4.80 -27.77
CA PRO A 168 8.55 -6.20 -27.39
C PRO A 168 8.90 -6.33 -25.92
N LEU A 169 8.32 -7.32 -25.24
CA LEU A 169 8.45 -7.46 -23.80
C LEU A 169 9.84 -7.98 -23.45
N PRO A 170 10.57 -7.39 -22.46
CA PRO A 170 11.88 -7.93 -22.08
C PRO A 170 11.62 -9.34 -21.56
N VAL A 171 12.61 -10.24 -21.69
CA VAL A 171 12.42 -11.64 -21.36
C VAL A 171 12.11 -11.77 -19.86
N ALA A 172 12.61 -10.81 -19.05
CA ALA A 172 12.52 -10.81 -17.59
C ALA A 172 13.81 -11.30 -16.96
N HIS A 173 14.79 -11.64 -17.81
CA HIS A 173 16.10 -12.11 -17.38
C HIS A 173 17.13 -11.98 -18.53
N LYS A 174 17.63 -10.78 -18.89
CA LYS A 174 17.08 -9.42 -18.78
C LYS A 174 16.47 -9.06 -17.42
N GLU A 175 17.05 -9.60 -16.34
CA GLU A 175 16.48 -9.47 -15.02
C GLU A 175 16.32 -7.99 -14.69
N MET A 176 15.21 -7.40 -15.16
CA MET A 176 14.93 -6.00 -14.90
C MET A 176 15.34 -5.67 -13.47
N SER A 177 16.21 -4.67 -13.29
CA SER A 177 16.63 -4.21 -11.98
C SER A 177 15.41 -3.74 -11.18
N GLU A 178 15.54 -3.71 -9.85
CA GLU A 178 14.47 -3.23 -8.99
C GLU A 178 14.06 -1.83 -9.46
N GLU A 179 15.05 -0.98 -9.80
CA GLU A 179 14.82 0.44 -10.04
C GLU A 179 14.20 0.69 -11.43
N SER A 180 14.36 -0.25 -12.37
CA SER A 180 13.73 -0.11 -13.68
C SER A 180 12.37 -0.80 -13.72
N ARG A 181 12.10 -1.71 -12.76
CA ARG A 181 10.79 -2.35 -12.61
C ARG A 181 9.78 -1.34 -12.07
N VAL A 182 10.29 -0.31 -11.40
CA VAL A 182 9.47 0.69 -10.75
C VAL A 182 9.17 1.83 -11.71
N ARG A 183 10.13 2.12 -12.60
CA ARG A 183 9.93 3.16 -13.61
C ARG A 183 9.04 2.64 -14.74
N GLN A 184 8.78 1.34 -14.76
CA GLN A 184 8.00 0.70 -15.81
C GLN A 184 7.23 -0.48 -15.21
N ARG A 185 6.31 -0.13 -14.32
CA ARG A 185 5.57 -1.09 -13.51
C ARG A 185 4.63 -1.89 -14.41
N TYR A 186 4.11 -1.23 -15.44
CA TYR A 186 3.15 -1.85 -16.33
C TYR A 186 3.77 -3.04 -17.06
N VAL A 187 5.09 -3.06 -17.26
CA VAL A 187 5.73 -4.20 -17.93
C VAL A 187 6.04 -5.27 -16.88
N ASP A 188 6.28 -4.82 -15.65
CA ASP A 188 6.53 -5.69 -14.52
C ASP A 188 5.26 -6.50 -14.23
N LEU A 189 4.14 -5.78 -14.25
CA LEU A 189 2.84 -6.38 -14.07
C LEU A 189 2.57 -7.43 -15.14
N ILE A 190 3.21 -7.28 -16.31
CA ILE A 190 2.93 -8.20 -17.39
C ILE A 190 3.88 -9.37 -17.38
N VAL A 191 5.16 -9.14 -17.10
CA VAL A 191 6.16 -10.19 -17.21
C VAL A 191 6.44 -10.91 -15.88
N ARG A 192 6.17 -10.26 -14.73
CA ARG A 192 6.59 -10.78 -13.42
C ARG A 192 5.38 -11.13 -12.54
N PRO A 193 5.09 -12.44 -12.37
CA PRO A 193 3.89 -12.88 -11.65
C PRO A 193 3.68 -12.24 -10.27
N GLU A 194 4.79 -11.95 -9.58
CA GLU A 194 4.74 -11.51 -8.19
C GLU A 194 4.21 -10.08 -8.07
N ALA A 195 4.44 -9.27 -9.12
CA ALA A 195 3.96 -7.90 -9.17
C ALA A 195 2.43 -7.91 -9.17
N ARG A 196 1.90 -8.87 -9.93
CA ARG A 196 0.47 -9.14 -9.94
C ARG A 196 -0.02 -9.42 -8.52
N ALA A 197 0.61 -10.37 -7.82
CA ALA A 197 0.20 -10.71 -6.46
C ALA A 197 0.22 -9.50 -5.53
N VAL A 198 1.32 -8.74 -5.55
CA VAL A 198 1.56 -7.63 -4.65
C VAL A 198 0.50 -6.55 -4.84
N ALA A 199 0.36 -6.10 -6.09
CA ALA A 199 -0.65 -5.12 -6.43
C ALA A 199 -1.98 -5.59 -5.87
N ARG A 200 -2.37 -6.83 -6.22
CA ARG A 200 -3.65 -7.38 -5.78
C ARG A 200 -3.70 -7.38 -4.26
N LEU A 201 -2.61 -7.80 -3.59
CA LEU A 201 -2.55 -7.82 -2.13
C LEU A 201 -2.82 -6.46 -1.48
N ARG A 202 -2.10 -5.41 -1.90
CA ARG A 202 -2.28 -4.07 -1.38
C ARG A 202 -3.75 -3.66 -1.39
N ILE A 203 -4.47 -4.00 -2.46
CA ILE A 203 -5.87 -3.69 -2.64
C ILE A 203 -6.73 -4.60 -1.76
N ALA A 204 -6.29 -5.85 -1.57
CA ALA A 204 -7.03 -6.72 -0.66
C ALA A 204 -6.95 -6.18 0.78
N VAL A 205 -5.76 -5.61 1.12
CA VAL A 205 -5.46 -5.18 2.47
C VAL A 205 -6.37 -3.99 2.78
N VAL A 206 -6.46 -3.11 1.78
CA VAL A 206 -7.16 -1.86 1.90
C VAL A 206 -8.65 -2.14 1.98
N ARG A 207 -9.15 -3.08 1.17
CA ARG A 207 -10.56 -3.43 1.27
C ARG A 207 -10.83 -4.03 2.65
N ALA A 208 -10.00 -4.99 3.05
CA ALA A 208 -10.06 -5.58 4.38
C ALA A 208 -10.10 -4.53 5.50
N ILE A 209 -9.32 -3.42 5.36
CA ILE A 209 -9.25 -2.43 6.40
C ILE A 209 -10.55 -1.63 6.47
N ARG A 210 -11.00 -1.08 5.34
CA ARG A 210 -12.30 -0.45 5.24
C ARG A 210 -13.39 -1.38 5.78
N THR A 211 -13.30 -2.68 5.48
CA THR A 211 -14.35 -3.57 5.97
C THR A 211 -14.28 -3.65 7.49
N ALA A 212 -13.05 -3.75 8.02
CA ALA A 212 -12.87 -3.98 9.44
C ALA A 212 -13.46 -2.82 10.25
N LEU A 213 -13.22 -1.61 9.77
CA LEU A 213 -13.62 -0.40 10.46
C LEU A 213 -15.09 -0.08 10.22
N GLN A 214 -15.71 -0.64 9.16
CA GLN A 214 -17.11 -0.38 8.89
C GLN A 214 -18.01 -1.30 9.72
N ARG A 215 -17.58 -2.55 9.92
CA ARG A 215 -18.20 -3.41 10.92
C ARG A 215 -18.26 -2.73 12.29
N ARG A 216 -17.21 -1.97 12.67
CA ARG A 216 -17.19 -1.40 14.01
C ARG A 216 -17.97 -0.09 14.04
N GLY A 217 -18.69 0.25 12.97
CA GLY A 217 -19.47 1.48 12.95
C GLY A 217 -18.62 2.74 12.79
N PHE A 218 -17.45 2.61 12.18
CA PHE A 218 -16.70 3.79 11.78
C PHE A 218 -17.21 4.35 10.45
N LEU A 219 -16.88 5.62 10.24
CA LEU A 219 -17.37 6.39 9.12
C LEU A 219 -16.16 7.08 8.52
N GLU A 220 -16.05 6.95 7.21
CA GLU A 220 -14.92 7.47 6.48
C GLU A 220 -15.25 8.89 6.05
N VAL A 221 -14.42 9.84 6.46
CA VAL A 221 -14.67 11.22 6.11
C VAL A 221 -13.55 11.64 5.19
N GLU A 222 -13.83 12.66 4.37
CA GLU A 222 -12.82 13.30 3.55
C GLU A 222 -12.53 14.68 4.14
N THR A 223 -11.26 14.96 4.41
CA THR A 223 -10.78 16.23 4.94
C THR A 223 -9.71 16.82 4.00
N PRO A 224 -9.41 18.14 4.09
CA PRO A 224 -8.70 18.83 3.01
C PRO A 224 -7.26 18.40 2.94
N VAL A 225 -6.76 18.21 1.70
CA VAL A 225 -5.35 18.04 1.39
C VAL A 225 -4.62 19.38 1.21
N LEU A 226 -5.34 20.46 0.85
CA LEU A 226 -4.74 21.77 0.85
C LEU A 226 -5.27 22.55 2.05
N GLN A 227 -4.37 23.30 2.69
CA GLN A 227 -4.50 23.74 4.06
C GLN A 227 -3.71 25.02 4.14
N THR A 228 -4.19 25.98 4.95
CA THR A 228 -3.64 27.31 4.99
C THR A 228 -2.37 27.31 5.86
N LEU A 229 -2.35 26.43 6.88
CA LEU A 229 -1.11 26.03 7.53
C LEU A 229 -1.23 24.55 7.85
N ALA A 230 -0.25 23.78 7.38
CA ALA A 230 -0.24 22.36 7.59
C ALA A 230 0.24 22.04 9.00
N GLY A 231 -0.48 21.14 9.67
CA GLY A 231 -0.10 20.60 10.97
C GLY A 231 -0.70 19.20 11.17
N GLY A 232 -0.69 18.72 12.41
CA GLY A 232 -1.04 17.36 12.80
C GLY A 232 0.19 16.45 13.01
N ALA A 233 1.39 16.93 12.69
CA ALA A 233 2.62 16.15 12.88
C ALA A 233 3.87 17.02 12.69
N ALA A 234 5.03 16.49 13.08
CA ALA A 234 6.28 17.22 12.94
C ALA A 234 6.96 16.82 11.62
N ALA A 235 7.01 17.78 10.69
CA ALA A 235 7.49 17.53 9.34
C ALA A 235 7.46 18.83 8.55
N ARG A 236 8.32 18.97 7.53
CA ARG A 236 8.28 20.14 6.66
C ARG A 236 7.32 19.90 5.50
N PRO A 237 6.26 20.74 5.35
CA PRO A 237 5.25 20.50 4.32
C PRO A 237 5.76 20.73 2.91
N PHE A 238 4.95 20.35 1.90
CA PHE A 238 5.05 20.94 0.58
C PHE A 238 4.11 22.15 0.49
N ALA A 239 4.66 23.26 -0.01
CA ALA A 239 3.84 24.44 -0.27
C ALA A 239 3.67 24.57 -1.77
N THR A 240 2.66 25.35 -2.16
CA THR A 240 2.43 25.64 -3.56
C THR A 240 1.66 26.95 -3.63
N HIS A 241 1.75 27.60 -4.79
CA HIS A 241 1.13 28.90 -4.95
C HIS A 241 -0.27 28.72 -5.55
N SER A 242 -1.23 29.46 -5.01
CA SER A 242 -2.56 29.59 -5.57
C SER A 242 -2.70 30.86 -6.41
N ASN A 243 -3.69 30.86 -7.31
CA ASN A 243 -3.96 31.97 -8.21
C ASN A 243 -5.29 32.62 -7.86
N ALA A 244 -6.26 31.80 -7.46
CA ALA A 244 -7.47 32.31 -6.83
C ALA A 244 -7.10 33.32 -5.75
N LEU A 245 -6.33 32.86 -4.75
CA LEU A 245 -6.14 33.56 -3.49
C LEU A 245 -4.84 34.35 -3.49
N ASP A 246 -3.91 33.92 -4.34
CA ASP A 246 -2.58 34.52 -4.44
C ASP A 246 -1.76 34.29 -3.16
N ILE A 247 -2.20 33.36 -2.29
CA ILE A 247 -1.41 32.94 -1.13
C ILE A 247 -0.75 31.60 -1.46
N ASP A 248 0.22 31.19 -0.65
CA ASP A 248 0.75 29.83 -0.68
C ASP A 248 -0.25 28.93 0.05
N LEU A 249 -0.20 27.63 -0.28
CA LEU A 249 -0.99 26.65 0.42
C LEU A 249 -0.08 25.48 0.74
N TYR A 250 -0.53 24.67 1.70
CA TYR A 250 0.30 23.63 2.28
C TYR A 250 -0.47 22.32 2.12
N LEU A 251 0.18 21.38 1.45
CA LEU A 251 -0.28 20.01 1.37
C LEU A 251 -0.21 19.39 2.75
N ARG A 252 -1.20 18.55 3.09
CA ARG A 252 -1.34 18.11 4.48
C ARG A 252 -0.25 17.09 4.82
N ILE A 253 0.40 17.31 5.95
CA ILE A 253 1.31 16.34 6.51
C ILE A 253 0.47 15.28 7.21
N ALA A 254 -0.70 15.70 7.67
CA ALA A 254 -1.53 14.83 8.47
C ALA A 254 -2.93 15.40 8.58
N PRO A 255 -3.95 14.52 8.59
CA PRO A 255 -5.34 14.93 8.80
C PRO A 255 -5.81 15.20 10.23
N GLU A 256 -4.97 14.88 11.20
CA GLU A 256 -5.37 14.79 12.59
C GLU A 256 -6.23 15.99 12.99
N LEU A 257 -5.79 17.19 12.62
CA LEU A 257 -6.35 18.39 13.21
C LEU A 257 -7.78 18.60 12.72
N PHE A 258 -8.00 18.31 11.44
CA PHE A 258 -9.33 18.40 10.87
C PHE A 258 -10.15 17.21 11.33
N LEU A 259 -9.51 16.06 11.51
CA LEU A 259 -10.25 14.91 12.00
C LEU A 259 -10.82 15.22 13.38
N LYS A 260 -10.00 15.88 14.22
CA LYS A 260 -10.45 16.23 15.56
C LYS A 260 -11.63 17.20 15.50
N ARG A 261 -11.63 18.14 14.55
CA ARG A 261 -12.76 19.03 14.36
C ARG A 261 -14.06 18.25 14.13
N CYS A 262 -13.98 17.09 13.52
CA CYS A 262 -15.17 16.29 13.21
C CYS A 262 -15.78 15.71 14.47
N ILE A 263 -14.92 15.34 15.42
CA ILE A 263 -15.30 14.75 16.70
C ILE A 263 -16.03 15.80 17.53
N VAL A 264 -15.46 17.00 17.54
CA VAL A 264 -16.13 18.15 18.11
C VAL A 264 -17.51 18.19 17.50
N GLY A 265 -17.54 18.08 16.17
CA GLY A 265 -18.75 18.27 15.39
C GLY A 265 -19.75 17.13 15.53
N GLY A 266 -19.36 16.09 16.27
CA GLY A 266 -20.37 15.18 16.79
C GLY A 266 -20.24 13.78 16.21
N PHE A 267 -19.27 13.59 15.31
CA PHE A 267 -18.93 12.25 14.89
C PHE A 267 -18.52 11.48 16.15
N ASP A 268 -19.07 10.27 16.29
CA ASP A 268 -18.68 9.35 17.34
C ASP A 268 -17.39 8.64 16.96
N LYS A 269 -17.41 7.92 15.83
CA LYS A 269 -16.27 7.16 15.36
C LYS A 269 -16.02 7.45 13.89
N VAL A 270 -14.79 7.88 13.55
CA VAL A 270 -14.43 8.25 12.20
C VAL A 270 -13.05 7.71 11.83
N PHE A 271 -12.88 7.39 10.54
CA PHE A 271 -11.54 7.27 10.00
C PHE A 271 -11.39 8.06 8.71
N GLU A 272 -10.15 7.98 8.22
CA GLU A 272 -9.79 8.45 6.90
C GLU A 272 -8.60 7.62 6.44
N LEU A 273 -8.61 7.19 5.16
CA LEU A 273 -7.54 6.42 4.56
C LEU A 273 -7.12 7.07 3.25
N ASN A 274 -5.91 7.64 3.21
CA ASN A 274 -5.55 8.58 2.16
C ASN A 274 -4.16 9.18 2.38
N ARG A 275 -3.72 9.95 1.38
CA ARG A 275 -2.30 10.16 1.20
C ARG A 275 -1.90 11.28 2.14
N VAL A 276 -0.68 11.24 2.64
CA VAL A 276 -0.13 12.44 3.23
C VAL A 276 1.18 12.73 2.53
N PHE A 277 1.71 13.95 2.77
CA PHE A 277 2.93 14.42 2.13
C PHE A 277 3.84 15.07 3.15
N ARG A 278 5.05 14.51 3.29
CA ARG A 278 6.04 15.04 4.21
C ARG A 278 7.34 15.34 3.47
N ASN A 279 7.82 16.58 3.56
CA ASN A 279 8.76 17.07 2.58
C ASN A 279 10.17 16.79 3.05
N GLU A 280 10.61 15.55 2.88
CA GLU A 280 11.86 15.07 3.45
C GLU A 280 12.38 13.91 2.62
N GLY A 281 13.48 13.32 3.09
CA GLY A 281 14.27 12.39 2.29
C GLY A 281 13.72 10.97 2.39
N ALA A 282 14.07 10.16 1.39
CA ALA A 282 13.56 8.81 1.33
C ALA A 282 14.55 7.86 2.01
N ASP A 283 13.99 6.72 2.41
CA ASP A 283 14.71 5.57 2.90
C ASP A 283 13.69 4.45 3.02
N SER A 284 14.07 3.38 3.72
CA SER A 284 13.39 2.11 3.59
C SER A 284 12.06 2.13 4.32
N THR A 285 11.85 3.10 5.22
CA THR A 285 10.61 3.28 5.97
C THR A 285 9.98 4.66 5.72
N HIS A 286 10.60 5.43 4.80
CA HIS A 286 10.24 6.81 4.55
C HIS A 286 10.08 7.02 3.05
N SER A 287 8.94 7.63 2.68
CA SER A 287 8.68 8.17 1.36
C SER A 287 7.88 9.46 1.50
N PRO A 288 8.09 10.45 0.59
CA PRO A 288 7.55 11.80 0.80
C PRO A 288 6.03 11.88 0.69
N GLU A 289 5.46 11.04 -0.17
CA GLU A 289 4.03 10.85 -0.24
C GLU A 289 3.75 9.37 0.05
N PHE A 290 2.80 9.09 0.93
CA PHE A 290 2.46 7.70 1.22
C PHE A 290 1.05 7.64 1.81
N SER A 291 0.39 6.49 1.64
CA SER A 291 -0.95 6.28 2.14
C SER A 291 -0.93 6.06 3.66
N MET A 292 -1.88 6.65 4.39
CA MET A 292 -1.87 6.62 5.84
C MET A 292 -3.29 6.56 6.41
N LEU A 293 -3.53 5.60 7.33
CA LEU A 293 -4.77 5.51 8.08
C LEU A 293 -4.65 6.30 9.39
N GLU A 294 -5.69 7.13 9.70
CA GLU A 294 -5.92 7.74 11.02
C GLU A 294 -7.34 7.40 11.49
N THR A 295 -7.59 7.49 12.80
CA THR A 295 -8.76 6.87 13.40
C THR A 295 -9.10 7.45 14.77
N TYR A 296 -10.27 8.09 14.92
CA TYR A 296 -10.73 8.54 16.22
C TYR A 296 -11.96 7.79 16.69
N GLN A 297 -12.03 7.56 18.00
CA GLN A 297 -13.15 6.86 18.61
C GLN A 297 -13.42 7.49 19.96
N THR A 298 -14.55 8.17 20.10
CA THR A 298 -14.89 8.91 21.30
C THR A 298 -15.22 7.94 22.44
N TYR A 299 -14.73 8.28 23.64
CA TYR A 299 -15.03 7.56 24.87
C TYR A 299 -14.25 6.26 24.92
N GLY A 300 -12.94 6.38 24.72
CA GLY A 300 -12.01 5.30 24.98
C GLY A 300 -10.62 5.89 25.08
N THR A 301 -9.66 5.05 25.47
CA THR A 301 -8.32 5.54 25.70
C THR A 301 -7.35 4.68 24.89
N TYR A 302 -6.09 5.09 24.94
CA TYR A 302 -5.01 4.41 24.26
C TYR A 302 -5.03 2.94 24.66
N ASP A 303 -5.66 2.61 25.79
CA ASP A 303 -5.83 1.21 26.13
C ASP A 303 -6.75 0.54 25.11
N ASP A 304 -7.92 1.15 24.93
CA ASP A 304 -8.95 0.70 24.00
C ASP A 304 -8.44 0.68 22.55
N SER A 305 -7.58 1.64 22.12
CA SER A 305 -7.27 1.81 20.71
C SER A 305 -6.11 0.90 20.26
N ALA A 306 -5.29 0.46 21.23
CA ALA A 306 -4.35 -0.60 20.95
C ALA A 306 -5.11 -1.92 20.82
N VAL A 307 -6.26 -2.08 21.50
CA VAL A 307 -6.92 -3.38 21.34
C VAL A 307 -7.42 -3.49 19.91
N VAL A 308 -8.29 -2.55 19.52
CA VAL A 308 -8.78 -2.41 18.16
C VAL A 308 -7.64 -2.49 17.17
N THR A 309 -6.53 -1.79 17.44
CA THR A 309 -5.48 -1.78 16.46
C THR A 309 -5.00 -3.19 16.15
N ARG A 310 -4.74 -3.96 17.20
CA ARG A 310 -4.24 -5.32 17.04
C ARG A 310 -5.30 -6.19 16.35
N GLU A 311 -6.57 -5.96 16.63
CA GLU A 311 -7.62 -6.82 16.07
C GLU A 311 -7.72 -6.51 14.58
N LEU A 312 -7.48 -5.24 14.26
CA LEU A 312 -7.61 -4.78 12.90
C LEU A 312 -6.57 -5.51 12.05
N ILE A 313 -5.39 -5.64 12.60
CA ILE A 313 -4.23 -6.13 11.88
C ILE A 313 -4.31 -7.63 11.74
N GLN A 314 -4.69 -8.32 12.82
CA GLN A 314 -4.96 -9.75 12.77
C GLN A 314 -6.07 -10.04 11.75
N GLU A 315 -7.16 -9.28 11.83
CA GLU A 315 -8.26 -9.39 10.88
C GLU A 315 -7.78 -9.15 9.44
N VAL A 316 -6.89 -8.15 9.22
CA VAL A 316 -6.47 -7.80 7.89
C VAL A 316 -5.69 -8.97 7.33
N ALA A 317 -4.72 -9.44 8.15
CA ALA A 317 -3.81 -10.45 7.68
C ALA A 317 -4.62 -11.67 7.23
N ASP A 318 -5.70 -12.03 7.95
CA ASP A 318 -6.51 -13.17 7.57
C ASP A 318 -7.22 -12.97 6.23
N GLU A 319 -8.02 -11.89 6.14
CA GLU A 319 -8.80 -11.60 4.94
C GLU A 319 -7.84 -11.70 3.74
N ALA A 320 -6.60 -11.19 3.91
CA ALA A 320 -5.73 -10.84 2.80
C ALA A 320 -4.46 -11.71 2.66
N ILE A 321 -4.00 -12.38 3.73
CA ILE A 321 -2.90 -13.34 3.65
C ILE A 321 -3.36 -14.74 4.05
N GLY A 322 -4.42 -14.86 4.85
CA GLY A 322 -5.03 -16.17 5.06
C GLY A 322 -4.37 -16.94 6.21
N THR A 323 -3.47 -16.28 6.95
CA THR A 323 -2.79 -16.88 8.08
C THR A 323 -2.19 -15.78 8.95
N ARG A 324 -2.07 -16.06 10.24
CA ARG A 324 -1.34 -15.18 11.14
C ARG A 324 0.05 -15.71 11.44
N GLN A 325 0.45 -16.81 10.79
CA GLN A 325 1.85 -17.20 10.76
C GLN A 325 2.40 -16.78 9.40
N LEU A 326 3.00 -15.57 9.35
CA LEU A 326 3.32 -14.88 8.10
C LEU A 326 4.65 -15.38 7.56
N PRO A 327 4.72 -15.88 6.31
CA PRO A 327 5.99 -16.36 5.75
C PRO A 327 6.78 -15.22 5.11
N LEU A 328 8.10 -15.29 5.22
CA LEU A 328 8.98 -14.23 4.75
C LEU A 328 10.00 -14.83 3.78
N PRO A 329 10.73 -14.01 2.98
CA PRO A 329 11.68 -14.53 2.00
C PRO A 329 12.61 -15.56 2.65
N ASP A 330 13.52 -15.07 3.48
CA ASP A 330 14.09 -15.83 4.59
C ASP A 330 13.70 -17.30 4.47
N GLY A 331 12.39 -17.57 4.58
CA GLY A 331 11.87 -18.91 4.73
C GLY A 331 11.21 -19.06 6.11
N SER A 332 11.53 -18.11 7.00
CA SER A 332 11.04 -18.10 8.36
C SER A 332 9.58 -17.67 8.42
N VAL A 333 9.00 -17.75 9.62
CA VAL A 333 7.60 -17.45 9.83
C VAL A 333 7.53 -16.47 10.99
N TYR A 334 6.64 -15.49 10.88
CA TYR A 334 6.52 -14.46 11.91
C TYR A 334 5.12 -14.58 12.46
N ASP A 335 5.00 -15.12 13.68
CA ASP A 335 3.71 -15.35 14.31
C ASP A 335 3.17 -14.01 14.81
N ILE A 336 2.00 -13.57 14.32
CA ILE A 336 1.36 -12.37 14.84
C ILE A 336 0.10 -12.73 15.59
N ASP A 337 -0.12 -14.04 15.85
CA ASP A 337 -1.31 -14.55 16.52
C ASP A 337 -1.28 -14.26 18.02
N GLY A 338 -2.36 -14.61 18.73
CA GLY A 338 -2.46 -14.45 20.17
C GLY A 338 -2.31 -13.00 20.60
N GLU A 339 -2.29 -12.76 21.92
CA GLU A 339 -2.14 -11.42 22.48
C GLU A 339 -0.72 -10.89 22.28
N TRP A 340 -0.53 -9.59 22.49
CA TRP A 340 0.77 -8.96 22.26
C TRP A 340 1.24 -8.19 23.50
N ALA A 341 2.57 -8.16 23.75
CA ALA A 341 3.19 -7.51 24.91
C ALA A 341 3.06 -6.00 24.83
N THR A 342 3.02 -5.39 26.03
CA THR A 342 3.05 -3.97 26.27
C THR A 342 4.11 -3.73 27.34
N ILE A 343 5.00 -2.77 27.09
CA ILE A 343 6.07 -2.39 28.00
C ILE A 343 6.02 -0.88 28.08
N GLN A 344 6.59 -0.33 29.14
CA GLN A 344 6.68 1.13 29.28
C GLN A 344 8.06 1.66 28.89
N MET A 345 8.08 2.85 28.29
CA MET A 345 9.31 3.52 27.85
C MET A 345 10.33 3.68 28.96
N TYR A 346 9.99 4.47 29.99
CA TYR A 346 10.93 4.83 31.04
C TYR A 346 11.47 3.58 31.75
N PRO A 347 10.56 2.70 32.26
CA PRO A 347 10.96 1.47 32.91
C PRO A 347 11.80 0.60 31.99
N SER A 348 11.31 0.41 30.76
CA SER A 348 11.89 -0.63 29.91
C SER A 348 13.27 -0.16 29.49
N LEU A 349 13.41 1.16 29.34
CA LEU A 349 14.71 1.78 29.15
C LEU A 349 15.58 1.60 30.39
N SER A 350 15.01 1.93 31.56
CA SER A 350 15.72 1.82 32.83
C SER A 350 16.43 0.46 32.96
N VAL A 351 15.68 -0.64 32.78
CA VAL A 351 16.23 -1.99 32.85
C VAL A 351 17.37 -2.17 31.86
N ALA A 352 17.32 -1.50 30.71
CA ALA A 352 18.32 -1.69 29.67
C ALA A 352 19.61 -0.94 29.95
N LEU A 353 19.52 0.26 30.54
CA LEU A 353 20.72 1.03 30.84
C LEU A 353 21.26 0.72 32.23
N GLY A 354 20.53 -0.10 33.01
CA GLY A 354 21.00 -0.46 34.34
C GLY A 354 20.92 0.70 35.33
N GLU A 355 19.85 1.52 35.26
CA GLU A 355 19.60 2.54 36.27
C GLU A 355 18.25 3.19 36.04
N GLU A 356 17.76 3.90 37.07
CA GLU A 356 16.51 4.63 36.97
C GLU A 356 16.65 5.85 36.05
N ILE A 357 15.85 5.85 34.98
CA ILE A 357 15.59 7.04 34.17
C ILE A 357 14.14 7.45 34.41
N THR A 358 13.90 8.73 34.61
CA THR A 358 12.54 9.20 34.79
C THR A 358 12.37 10.53 34.07
N PRO A 359 11.12 11.04 34.01
CA PRO A 359 10.89 12.40 33.53
C PRO A 359 11.84 13.43 34.15
N GLN A 360 12.51 13.03 35.24
CA GLN A 360 13.29 13.91 36.09
C GLN A 360 14.74 14.05 35.61
N THR A 361 15.27 12.99 34.98
CA THR A 361 16.67 12.90 34.60
C THR A 361 17.08 14.03 33.64
N THR A 362 18.15 14.76 34.00
CA THR A 362 18.59 15.93 33.26
C THR A 362 19.21 15.51 31.92
N VAL A 363 19.37 16.51 31.04
CA VAL A 363 19.87 16.24 29.70
C VAL A 363 21.37 15.95 29.75
N ASP A 364 22.09 16.66 30.64
CA ASP A 364 23.51 16.44 30.85
C ASP A 364 23.74 14.99 31.22
N ARG A 365 22.96 14.50 32.17
CA ARG A 365 22.98 13.09 32.50
C ARG A 365 22.78 12.25 31.23
N LEU A 366 21.69 12.52 30.51
CA LEU A 366 21.31 11.69 29.36
C LEU A 366 22.33 11.74 28.23
N ARG A 367 22.93 12.93 28.01
CA ARG A 367 23.86 13.13 26.90
C ARG A 367 25.14 12.35 27.21
N GLY A 368 25.56 12.42 28.47
CA GLY A 368 26.58 11.51 28.94
C GLY A 368 26.28 10.10 28.48
N ILE A 369 25.12 9.56 28.89
CA ILE A 369 24.79 8.17 28.56
C ILE A 369 24.76 8.03 27.03
N ALA A 370 24.23 9.05 26.36
CA ALA A 370 24.27 9.08 24.90
C ALA A 370 25.72 8.91 24.43
N ASP A 371 26.61 9.76 24.96
CA ASP A 371 28.02 9.71 24.64
C ASP A 371 28.61 8.34 24.98
N SER A 372 28.33 7.81 26.18
CA SER A 372 28.86 6.52 26.60
C SER A 372 28.62 5.44 25.53
N LEU A 373 27.44 5.48 24.87
CA LEU A 373 27.11 4.57 23.78
C LEU A 373 27.64 5.09 22.42
N GLY A 374 26.84 5.93 21.72
CA GLY A 374 27.18 6.41 20.39
C GLY A 374 25.95 6.89 19.63
N PHE A 387 18.41 17.23 20.82
CA PHE A 387 18.68 18.55 21.48
C PHE A 387 18.38 18.45 22.98
N GLY A 388 17.19 17.93 23.33
CA GLY A 388 16.69 18.01 24.70
C GLY A 388 16.04 16.70 25.17
N HIS A 389 15.40 16.74 26.35
CA HIS A 389 15.08 15.58 27.17
C HIS A 389 14.35 14.51 26.36
N GLY A 390 13.12 14.84 25.97
CA GLY A 390 12.24 13.91 25.29
C GLY A 390 12.92 13.22 24.11
N LYS A 391 13.68 13.97 23.32
CA LYS A 391 14.31 13.40 22.14
C LYS A 391 15.35 12.37 22.58
N LEU A 392 16.06 12.69 23.66
CA LEU A 392 17.08 11.81 24.22
C LEU A 392 16.45 10.52 24.70
N ILE A 393 15.29 10.62 25.35
CA ILE A 393 14.67 9.43 25.91
C ILE A 393 14.39 8.44 24.77
N GLU A 394 13.70 8.94 23.72
CA GLU A 394 13.12 8.12 22.68
C GLU A 394 14.22 7.45 21.85
N GLU A 395 15.29 8.22 21.68
CA GLU A 395 16.46 7.83 20.93
C GLU A 395 17.22 6.72 21.66
N LEU A 396 17.60 6.99 22.91
CA LEU A 396 18.21 5.98 23.78
C LEU A 396 17.31 4.74 23.83
N TRP A 397 16.01 4.96 24.04
CA TRP A 397 15.10 3.83 24.01
C TRP A 397 15.24 3.06 22.71
N GLU A 398 15.07 3.78 21.59
CA GLU A 398 14.99 3.17 20.28
C GLU A 398 16.31 2.46 20.03
N ARG A 399 17.41 3.11 20.44
CA ARG A 399 18.75 2.60 20.18
C ARG A 399 19.11 1.46 21.15
N THR A 400 18.41 1.29 22.28
CA THR A 400 18.69 0.13 23.12
C THR A 400 17.57 -0.88 23.01
N VAL A 401 16.40 -0.56 23.56
CA VAL A 401 15.27 -1.47 23.60
C VAL A 401 14.75 -1.74 22.19
N GLY A 402 14.19 -0.69 21.56
CA GLY A 402 13.44 -0.83 20.32
C GLY A 402 14.15 -1.75 19.32
N LYS A 403 15.34 -1.36 18.90
CA LYS A 403 16.11 -2.16 17.98
C LYS A 403 16.04 -3.63 18.37
N SER A 404 16.15 -3.95 19.66
CA SER A 404 16.37 -5.32 20.10
C SER A 404 15.06 -6.10 20.32
N LEU A 405 13.92 -5.58 19.88
CA LEU A 405 12.67 -6.33 19.89
C LEU A 405 12.61 -7.23 18.66
N SER A 406 11.79 -8.28 18.75
CA SER A 406 11.52 -9.17 17.62
C SER A 406 10.01 -9.33 17.44
N ALA A 407 9.35 -9.96 18.43
CA ALA A 407 7.91 -10.19 18.46
C ALA A 407 7.10 -8.89 18.61
N PRO A 408 5.78 -8.89 18.37
CA PRO A 408 4.99 -7.66 18.39
C PRO A 408 4.79 -7.00 19.75
N THR A 409 5.11 -5.71 19.83
CA THR A 409 5.16 -5.05 21.11
C THR A 409 4.61 -3.64 20.99
N PHE A 410 3.75 -3.26 21.93
CA PHE A 410 3.45 -1.87 22.12
C PHE A 410 4.41 -1.34 23.19
N VAL A 411 5.02 -0.16 22.94
CA VAL A 411 5.64 0.61 24.00
C VAL A 411 4.71 1.75 24.38
N LYS A 412 4.68 2.18 25.64
CA LYS A 412 3.74 3.22 26.02
C LYS A 412 4.22 4.06 27.19
N ASP A 413 3.53 5.19 27.37
CA ASP A 413 3.80 6.18 28.40
C ASP A 413 5.02 7.01 28.01
N PHE A 414 4.80 7.98 27.12
CA PHE A 414 5.91 8.64 26.43
C PHE A 414 6.26 9.95 27.13
N PRO A 415 7.49 10.45 26.96
CA PRO A 415 7.89 11.77 27.47
C PRO A 415 7.09 12.89 26.85
N VAL A 416 6.64 13.82 27.70
CA VAL A 416 5.67 14.81 27.27
C VAL A 416 6.27 15.65 26.15
N GLN A 417 7.54 16.04 26.29
CA GLN A 417 8.13 17.03 25.40
C GLN A 417 7.84 16.69 23.92
N THR A 418 7.78 15.40 23.54
CA THR A 418 7.73 15.03 22.14
C THR A 418 6.35 14.53 21.75
N THR A 419 5.32 15.02 22.43
CA THR A 419 3.99 14.51 22.17
C THR A 419 2.99 15.63 22.43
N PRO A 420 3.07 16.75 21.69
CA PRO A 420 2.33 17.96 22.01
C PRO A 420 0.83 17.93 21.73
N LEU A 421 0.28 16.75 21.40
CA LEU A 421 -1.12 16.60 21.02
C LEU A 421 -1.83 15.56 21.88
N THR A 422 -1.06 14.82 22.67
CA THR A 422 -1.62 13.69 23.39
C THR A 422 -1.79 14.08 24.85
N ARG A 423 -2.78 13.48 25.50
CA ARG A 423 -3.14 13.89 26.84
C ARG A 423 -1.98 13.53 27.77
N GLN A 424 -1.85 14.26 28.89
CA GLN A 424 -0.96 13.87 29.96
C GLN A 424 -1.52 12.62 30.64
N HIS A 425 -0.61 11.72 31.06
CA HIS A 425 -0.99 10.46 31.69
C HIS A 425 -1.89 10.77 32.89
N ARG A 426 -2.77 9.82 33.19
CA ARG A 426 -3.82 10.01 34.18
C ARG A 426 -3.27 10.02 35.61
N SER A 427 -2.10 9.40 35.80
CA SER A 427 -1.49 9.29 37.12
C SER A 427 0.01 9.57 37.08
N ILE A 428 0.76 8.85 36.25
CA ILE A 428 2.19 9.02 36.14
C ILE A 428 2.53 10.43 35.64
N PRO A 429 3.29 11.27 36.39
CA PRO A 429 3.54 12.65 35.99
C PRO A 429 4.73 12.74 35.06
N GLY A 430 4.58 13.50 33.98
CA GLY A 430 5.65 13.74 33.02
C GLY A 430 5.54 12.89 31.75
N VAL A 431 4.55 12.01 31.66
CA VAL A 431 4.41 11.17 30.48
C VAL A 431 3.01 11.33 29.90
N THR A 432 2.88 11.02 28.60
CA THR A 432 1.61 11.15 27.88
C THR A 432 1.09 9.77 27.54
N GLU A 433 -0.23 9.69 27.31
CA GLU A 433 -0.90 8.42 27.03
C GLU A 433 -0.86 8.13 25.53
N LYS A 434 0.19 7.43 25.14
CA LYS A 434 0.50 7.23 23.75
C LYS A 434 1.22 5.89 23.68
N TRP A 435 1.13 5.24 22.52
CA TRP A 435 1.95 4.06 22.33
C TRP A 435 2.42 4.05 20.90
N ASP A 436 3.57 3.42 20.67
CA ASP A 436 4.00 3.02 19.34
C ASP A 436 3.70 1.53 19.28
N LEU A 437 3.54 1.01 18.06
CA LEU A 437 3.49 -0.43 17.84
C LEU A 437 4.66 -0.78 16.95
N TYR A 438 5.51 -1.69 17.45
CA TYR A 438 6.65 -2.19 16.70
C TYR A 438 6.32 -3.62 16.29
N LEU A 439 6.16 -3.80 14.97
CA LEU A 439 5.82 -5.09 14.40
C LEU A 439 6.98 -5.53 13.52
N ARG A 440 7.59 -6.67 13.89
CA ARG A 440 8.76 -7.21 13.20
C ARG A 440 9.84 -6.15 13.04
N GLY A 441 9.93 -5.22 14.02
CA GLY A 441 11.04 -4.27 14.08
C GLY A 441 10.68 -2.92 13.48
N ILE A 442 9.43 -2.78 13.00
CA ILE A 442 9.02 -1.63 12.22
C ILE A 442 8.02 -0.76 13.00
N GLU A 443 8.24 0.56 12.94
CA GLU A 443 7.37 1.52 13.63
C GLU A 443 6.09 1.71 12.84
N LEU A 444 5.12 0.83 13.08
CA LEU A 444 3.95 0.73 12.23
C LEU A 444 2.89 1.76 12.62
N ALA A 445 2.71 2.03 13.92
CA ALA A 445 1.48 2.67 14.32
C ALA A 445 1.59 3.19 15.75
N THR A 446 0.64 4.02 16.12
CA THR A 446 0.75 4.87 17.29
C THR A 446 -0.67 5.16 17.68
N GLY A 447 -0.92 5.35 18.98
CA GLY A 447 -2.22 5.82 19.43
C GLY A 447 -2.10 6.71 20.66
N TYR A 448 -3.16 7.47 20.90
CA TYR A 448 -3.14 8.52 21.88
C TYR A 448 -4.46 8.47 22.60
N SER A 449 -4.43 8.76 23.90
CA SER A 449 -5.56 9.42 24.54
C SER A 449 -5.39 10.92 24.29
N GLU A 450 -6.43 11.56 23.73
CA GLU A 450 -6.23 12.78 22.96
C GLU A 450 -6.30 14.00 23.85
N LEU A 451 -5.42 14.94 23.55
CA LEU A 451 -5.39 16.19 24.28
C LEU A 451 -6.58 17.03 23.83
N SER A 452 -7.62 17.04 24.69
CA SER A 452 -8.88 17.72 24.42
C SER A 452 -8.99 19.03 25.19
N ASP A 453 -7.96 19.41 25.98
CA ASP A 453 -8.00 20.62 26.80
C ASP A 453 -7.35 21.80 26.09
N PRO A 454 -8.09 22.92 25.87
CA PRO A 454 -7.61 24.01 24.99
C PRO A 454 -6.48 24.90 25.50
N VAL A 455 -6.42 25.14 26.82
CA VAL A 455 -5.50 26.12 27.37
C VAL A 455 -4.16 25.42 27.56
N VAL A 456 -4.21 24.16 28.02
CA VAL A 456 -3.05 23.28 27.99
C VAL A 456 -2.47 23.30 26.58
N GLN A 457 -3.38 23.01 25.64
CA GLN A 457 -3.02 22.75 24.25
C GLN A 457 -2.37 23.99 23.67
N ARG A 458 -2.85 25.16 24.11
CA ARG A 458 -2.29 26.40 23.61
C ARG A 458 -0.83 26.45 24.02
N GLU A 459 -0.54 26.08 25.27
CA GLU A 459 0.84 26.07 25.77
C GLU A 459 1.69 25.19 24.85
N ARG A 460 1.32 23.92 24.77
CA ARG A 460 2.12 22.92 24.07
C ARG A 460 2.72 23.54 22.81
N PHE A 461 1.92 24.33 22.06
CA PHE A 461 2.33 24.93 20.80
C PHE A 461 3.18 26.18 21.00
N ALA A 462 2.88 26.93 22.07
CA ALA A 462 3.58 28.17 22.37
C ALA A 462 5.05 27.89 22.61
N ASP A 463 5.32 26.84 23.41
CA ASP A 463 6.64 26.25 23.53
C ASP A 463 7.19 25.95 22.14
N GLN A 464 6.59 24.96 21.46
CA GLN A 464 7.13 24.41 20.23
C GLN A 464 7.80 25.52 19.43
N ALA A 465 7.00 26.55 19.20
CA ALA A 465 7.34 27.74 18.43
C ALA A 465 8.73 28.28 18.80
N ARG A 466 8.98 28.42 20.10
CA ARG A 466 10.18 29.09 20.62
C ARG A 466 11.44 28.59 19.93
N ALA A 467 11.44 27.31 19.48
CA ALA A 467 12.52 26.73 18.70
C ALA A 467 12.49 27.28 17.27
N MET A 476 5.03 34.23 15.41
CA MET A 476 4.79 32.86 15.94
C MET A 476 3.28 32.60 15.99
N VAL A 477 2.72 32.28 14.82
CA VAL A 477 1.29 32.07 14.65
C VAL A 477 0.96 30.57 14.72
N LEU A 478 0.00 30.23 15.59
CA LEU A 478 -0.47 28.87 15.75
C LEU A 478 -1.73 28.70 14.89
N ASP A 479 -2.32 27.49 14.90
CA ASP A 479 -3.54 27.22 14.14
C ASP A 479 -4.75 27.62 14.98
N GLU A 480 -5.12 28.90 14.88
CA GLU A 480 -6.01 29.53 15.85
C GLU A 480 -7.43 28.99 15.76
N ASP A 481 -7.83 28.48 14.59
CA ASP A 481 -9.16 27.89 14.45
C ASP A 481 -9.17 26.54 15.18
N PHE A 482 -8.15 25.71 14.89
CA PHE A 482 -7.96 24.44 15.57
C PHE A 482 -8.20 24.61 17.06
N LEU A 483 -7.49 25.55 17.69
CA LEU A 483 -7.67 25.83 19.10
C LEU A 483 -9.14 26.15 19.37
N ALA A 484 -9.66 27.16 18.65
CA ALA A 484 -11.03 27.59 18.84
C ALA A 484 -11.97 26.38 18.95
N ALA A 485 -11.70 25.34 18.15
CA ALA A 485 -12.58 24.19 18.02
C ALA A 485 -12.56 23.33 19.28
N LEU A 486 -11.38 23.28 19.92
CA LEU A 486 -11.26 22.60 21.20
C LEU A 486 -12.04 23.38 22.25
N GLU A 487 -11.96 24.72 22.21
CA GLU A 487 -12.71 25.50 23.18
C GLU A 487 -14.22 25.40 22.92
N TYR A 488 -14.66 24.67 21.89
CA TYR A 488 -16.08 24.43 21.75
C TYR A 488 -16.45 23.17 22.53
N GLY A 489 -15.48 22.24 22.60
CA GLY A 489 -15.56 21.11 23.51
C GLY A 489 -15.45 19.79 22.77
N MET A 490 -14.25 19.19 22.83
CA MET A 490 -14.02 17.90 22.23
C MET A 490 -14.08 16.79 23.28
N PRO A 491 -14.97 15.79 23.12
CA PRO A 491 -15.15 14.77 24.15
C PRO A 491 -13.93 13.86 24.23
N PRO A 492 -13.83 13.06 25.30
CA PRO A 492 -12.77 12.06 25.44
C PRO A 492 -12.68 11.14 24.23
N CYS A 493 -11.58 11.23 23.50
CA CYS A 493 -11.42 10.37 22.34
C CYS A 493 -10.02 9.78 22.34
N THR A 494 -9.81 8.73 21.54
CA THR A 494 -8.46 8.20 21.32
C THR A 494 -8.24 8.05 19.82
N GLY A 495 -7.15 8.65 19.32
CA GLY A 495 -6.75 8.52 17.92
C GLY A 495 -5.63 7.49 17.72
N THR A 496 -5.41 7.10 16.46
CA THR A 496 -4.29 6.26 16.05
C THR A 496 -3.86 6.68 14.65
N GLY A 497 -2.81 6.03 14.15
CA GLY A 497 -2.62 6.02 12.72
C GLY A 497 -1.62 4.95 12.37
N MET A 498 -1.49 4.71 11.06
CA MET A 498 -0.78 3.55 10.60
C MET A 498 -0.41 3.73 9.14
N GLY A 499 0.85 3.42 8.87
CA GLY A 499 1.37 3.37 7.52
C GLY A 499 0.89 2.11 6.86
N ILE A 500 0.11 2.24 5.77
CA ILE A 500 -0.33 1.12 4.98
C ILE A 500 0.91 0.45 4.37
N ASP A 501 1.93 1.24 4.05
CA ASP A 501 3.11 0.72 3.39
C ASP A 501 3.94 -0.08 4.39
N ARG A 502 4.09 0.46 5.61
CA ARG A 502 4.84 -0.22 6.65
C ARG A 502 4.06 -1.47 7.08
N LEU A 503 2.75 -1.33 7.09
CA LEU A 503 1.90 -2.49 7.31
C LEU A 503 2.27 -3.61 6.34
N LEU A 504 2.31 -3.33 5.03
CA LEU A 504 2.57 -4.38 4.06
C LEU A 504 3.97 -4.95 4.25
N MET A 505 4.95 -4.07 4.54
CA MET A 505 6.32 -4.47 4.75
C MET A 505 6.35 -5.40 5.96
N SER A 506 5.84 -4.90 7.08
CA SER A 506 5.91 -5.63 8.33
C SER A 506 5.23 -7.00 8.19
N LEU A 507 4.30 -7.15 7.22
CA LEU A 507 3.59 -8.41 7.00
C LEU A 507 4.27 -9.33 5.99
N THR A 508 5.11 -8.79 5.08
CA THR A 508 5.57 -9.55 3.93
C THR A 508 7.09 -9.56 3.79
N GLY A 509 7.75 -8.54 4.35
CA GLY A 509 9.18 -8.38 4.17
C GLY A 509 9.48 -7.52 2.94
N LEU A 510 8.43 -7.10 2.21
CA LEU A 510 8.66 -6.44 0.94
C LEU A 510 9.20 -5.05 1.18
N SER A 511 9.90 -4.48 0.21
CA SER A 511 10.41 -3.13 0.34
C SER A 511 9.30 -2.17 -0.01
N ILE A 512 9.54 -0.91 0.38
CA ILE A 512 8.58 0.18 0.27
C ILE A 512 8.36 0.52 -1.20
N ARG A 513 9.39 0.27 -2.03
CA ARG A 513 9.31 0.58 -3.45
C ARG A 513 8.73 -0.60 -4.22
N GLU A 514 8.23 -1.61 -3.49
CA GLU A 514 7.46 -2.69 -4.09
C GLU A 514 6.00 -2.64 -3.66
N THR A 515 5.72 -2.06 -2.47
CA THR A 515 4.36 -1.97 -1.96
C THR A 515 3.50 -0.96 -2.72
N VAL A 516 4.14 0.04 -3.32
CA VAL A 516 3.41 1.07 -4.02
C VAL A 516 3.46 0.77 -5.51
N LEU A 517 2.29 0.98 -6.11
CA LEU A 517 2.10 0.74 -7.53
C LEU A 517 3.04 1.64 -8.33
N PHE A 518 3.01 2.96 -8.06
CA PHE A 518 3.80 3.93 -8.83
C PHE A 518 4.50 4.90 -7.88
N PRO A 519 5.79 4.67 -7.58
CA PRO A 519 6.58 5.62 -6.82
C PRO A 519 7.67 6.35 -7.61
N ILE A 520 8.19 7.45 -7.05
CA ILE A 520 9.50 7.97 -7.46
C ILE A 520 9.78 9.21 -6.62
#